data_8Y2D
#
_entry.id   8Y2D
#
_cell.length_a   1.00
_cell.length_b   1.00
_cell.length_c   1.00
_cell.angle_alpha   90.00
_cell.angle_beta   90.00
_cell.angle_gamma   90.00
#
_symmetry.space_group_name_H-M   'P 1'
#
loop_
_entity.id
_entity.type
_entity.pdbx_description
1 polymer 'Sodium-dependent dopamine transporter'
2 non-polymer L-DOPAMINE
3 non-polymer 'SODIUM ION'
4 non-polymer 'CHLORIDE ION'
5 water water
#
_entity_poly.entity_id   1
_entity_poly.type   'polypeptide(L)'
_entity_poly.pdbx_seq_one_letter_code
;DFLLSVIGFAVDLANVWRFPYLCYKNGGGAFLVPYLLFMVIAGMPLFYMELALGQFNREGAAGVWKICPILKGVGFTVIL
ISLYVGFFYNVIIAWALHYLFSSFTTELPWIHCNNSWNSPNCSDAHPGDSSGDSSGLNDTFGTTPAAEYFERGVLHLHQS
HGIDDLGPPRWQLTACLVLVIVLLYFSLWKGVKTSGKVVWITATMPYVVLTALLLRGVTLPGAIDGIRAYLSVDFYRLCE
ASVWIDAATQVCFSLGVGFGVLIAFSSYNKFTNNCYRDAIVTTSINSLTSFSSGFVVFSFLGYMAQKHSVPIGDVAKDGP
GLIFIIYPEAIATLPLSSAWAVVFFIMLLTLGIDSAMGGMESVITGLIDEFQLLHRHRELFTLFIVLATFLLSLFCVTNG
GIYVFTLLDHFAAGTSILFGVLIEAIGVAWFYGVGQFSDDIQQMTGQRPSLYWRLCWKLVSPCFLLFVVVVSIVTFRPPH
YGAYIFPDWANALGWVIATSSMAMVPIYAAYKFCSLPGSFREKLAYAIAPEKDRELVDRGEVRQFTLRHWLKV
;
_entity_poly.pdbx_strand_id   A
#
# COMPACT_ATOMS: atom_id res chain seq x y z
N ASP A 1 -12.97 -19.85 3.32
CA ASP A 1 -11.61 -20.16 2.89
C ASP A 1 -10.61 -19.13 3.40
N PHE A 2 -9.43 -19.60 3.80
CA PHE A 2 -8.38 -18.69 4.25
C PHE A 2 -7.67 -18.02 3.08
N LEU A 3 -7.51 -18.71 1.95
CA LEU A 3 -6.80 -18.15 0.81
C LEU A 3 -7.55 -16.96 0.22
N LEU A 4 -8.88 -17.05 0.12
CA LEU A 4 -9.64 -15.99 -0.52
C LEU A 4 -9.56 -14.68 0.26
N SER A 5 -9.35 -14.77 1.58
CA SER A 5 -9.20 -13.56 2.38
C SER A 5 -7.84 -12.91 2.15
N VAL A 6 -6.78 -13.72 2.05
CA VAL A 6 -5.45 -13.18 1.81
C VAL A 6 -5.35 -12.61 0.41
N ILE A 7 -5.94 -13.28 -0.57
CA ILE A 7 -5.95 -12.78 -1.94
C ILE A 7 -6.77 -11.50 -2.05
N GLY A 8 -7.92 -11.45 -1.36
CA GLY A 8 -8.76 -10.28 -1.45
C GLY A 8 -8.11 -9.02 -0.91
N PHE A 9 -7.38 -9.13 0.19
CA PHE A 9 -6.70 -7.97 0.76
C PHE A 9 -5.45 -7.59 -0.02
N ALA A 10 -4.71 -8.59 -0.52
CA ALA A 10 -3.44 -8.31 -1.18
C ALA A 10 -3.64 -7.57 -2.49
N VAL A 11 -4.61 -7.98 -3.29
CA VAL A 11 -4.92 -7.31 -4.55
C VAL A 11 -5.87 -6.15 -4.25
N ASP A 12 -5.44 -4.94 -4.59
CA ASP A 12 -6.15 -3.75 -4.15
C ASP A 12 -6.02 -2.68 -5.23
N LEU A 13 -6.32 -1.43 -4.87
CA LEU A 13 -6.23 -0.32 -5.80
C LEU A 13 -4.80 -0.01 -6.21
N ALA A 14 -3.81 -0.45 -5.43
CA ALA A 14 -2.42 -0.19 -5.78
C ALA A 14 -2.01 -0.96 -7.04
N ASN A 15 -2.68 -2.07 -7.33
CA ASN A 15 -2.38 -2.84 -8.53
C ASN A 15 -2.92 -2.16 -9.79
N VAL A 16 -4.00 -1.40 -9.67
CA VAL A 16 -4.69 -0.84 -10.82
C VAL A 16 -4.62 0.68 -10.90
N TRP A 17 -4.24 1.37 -9.82
CA TRP A 17 -4.20 2.83 -9.82
C TRP A 17 -2.79 3.40 -9.69
N ARG A 18 -1.90 2.73 -8.97
CA ARG A 18 -0.55 3.22 -8.72
C ARG A 18 0.48 2.64 -9.66
N PHE A 19 0.37 1.35 -9.99
CA PHE A 19 1.35 0.71 -10.87
C PHE A 19 1.41 1.34 -12.25
N PRO A 20 0.30 1.54 -12.98
CA PRO A 20 0.41 2.23 -14.28
C PRO A 20 0.92 3.66 -14.15
N TYR A 21 0.58 4.35 -13.06
CA TYR A 21 1.08 5.71 -12.85
C TYR A 21 2.60 5.71 -12.74
N LEU A 22 3.16 4.83 -11.91
CA LEU A 22 4.61 4.77 -11.76
C LEU A 22 5.29 4.23 -13.02
N CYS A 23 4.60 3.39 -13.78
CA CYS A 23 5.16 2.91 -15.05
C CYS A 23 5.22 4.04 -16.07
N TYR A 24 4.18 4.86 -16.13
CA TYR A 24 4.17 5.97 -17.09
C TYR A 24 5.12 7.07 -16.66
N LYS A 25 5.37 7.21 -15.36
CA LYS A 25 6.30 8.25 -14.91
C LYS A 25 7.75 7.89 -15.24
N ASN A 26 8.12 6.62 -15.10
CA ASN A 26 9.50 6.18 -15.26
C ASN A 26 9.77 5.51 -16.60
N GLY A 27 8.85 5.63 -17.55
CA GLY A 27 8.99 4.96 -18.82
C GLY A 27 8.60 3.50 -18.76
N GLY A 28 8.55 2.87 -19.93
CA GLY A 28 8.07 1.51 -20.03
C GLY A 28 8.83 0.47 -19.22
N GLY A 29 10.06 0.18 -19.62
CA GLY A 29 10.79 -0.93 -19.03
C GLY A 29 11.79 -0.56 -17.96
N ALA A 30 12.01 0.74 -17.74
CA ALA A 30 12.93 1.15 -16.69
C ALA A 30 12.35 0.92 -15.30
N PHE A 31 11.04 0.69 -15.19
CA PHE A 31 10.40 0.40 -13.92
C PHE A 31 10.12 -1.08 -13.70
N LEU A 32 10.04 -1.86 -14.77
CA LEU A 32 9.72 -3.28 -14.65
C LEU A 32 10.89 -4.10 -14.14
N VAL A 33 12.12 -3.66 -14.39
CA VAL A 33 13.31 -4.40 -13.98
C VAL A 33 13.52 -4.28 -12.48
N PRO A 34 13.63 -3.07 -11.90
CA PRO A 34 13.78 -3.00 -10.44
C PRO A 34 12.60 -3.59 -9.70
N TYR A 35 11.38 -3.46 -10.24
CA TYR A 35 10.20 -4.01 -9.60
C TYR A 35 10.32 -5.52 -9.45
N LEU A 36 10.62 -6.22 -10.55
CA LEU A 36 10.74 -7.67 -10.49
C LEU A 36 11.93 -8.10 -9.66
N LEU A 37 13.05 -7.38 -9.76
CA LEU A 37 14.23 -7.72 -8.98
C LEU A 37 13.93 -7.63 -7.48
N PHE A 38 13.37 -6.51 -7.03
CA PHE A 38 13.03 -6.36 -5.62
C PHE A 38 11.95 -7.34 -5.20
N MET A 39 11.00 -7.62 -6.09
CA MET A 39 9.97 -8.62 -5.82
C MET A 39 10.61 -9.94 -5.42
N VAL A 40 11.36 -10.53 -6.35
CA VAL A 40 11.98 -11.83 -6.10
C VAL A 40 12.93 -11.76 -4.91
N ILE A 41 13.67 -10.67 -4.76
CA ILE A 41 14.70 -10.60 -3.73
C ILE A 41 14.08 -10.52 -2.34
N ALA A 42 13.05 -9.69 -2.16
CA ALA A 42 12.60 -9.41 -0.79
C ALA A 42 11.12 -9.65 -0.56
N GLY A 43 10.26 -9.39 -1.55
CA GLY A 43 8.83 -9.37 -1.27
C GLY A 43 8.29 -10.74 -0.86
N MET A 44 8.65 -11.78 -1.62
CA MET A 44 8.19 -13.12 -1.25
C MET A 44 8.77 -13.60 0.08
N PRO A 45 10.08 -13.47 0.36
CA PRO A 45 10.57 -13.86 1.70
C PRO A 45 9.88 -13.13 2.83
N LEU A 46 9.59 -11.85 2.67
CA LEU A 46 8.93 -11.10 3.74
C LEU A 46 7.49 -11.55 3.93
N PHE A 47 6.79 -11.84 2.83
CA PHE A 47 5.43 -12.38 2.92
C PHE A 47 5.43 -13.71 3.66
N TYR A 48 6.35 -14.60 3.30
CA TYR A 48 6.46 -15.90 3.97
C TYR A 48 6.78 -15.73 5.44
N MET A 49 7.72 -14.84 5.77
CA MET A 49 8.10 -14.61 7.15
C MET A 49 6.93 -14.07 7.97
N GLU A 50 6.20 -13.11 7.41
CA GLU A 50 5.05 -12.55 8.12
C GLU A 50 3.98 -13.60 8.37
N LEU A 51 3.67 -14.42 7.35
CA LEU A 51 2.67 -15.46 7.53
C LEU A 51 3.08 -16.46 8.61
N ALA A 52 4.33 -16.92 8.56
CA ALA A 52 4.80 -17.90 9.54
C ALA A 52 4.84 -17.32 10.94
N LEU A 53 5.33 -16.09 11.08
CA LEU A 53 5.43 -15.46 12.40
C LEU A 53 4.05 -15.23 13.00
N GLY A 54 3.08 -14.82 12.18
CA GLY A 54 1.71 -14.69 12.69
C GLY A 54 1.11 -16.03 13.06
N GLN A 55 1.35 -17.06 12.25
CA GLN A 55 0.73 -18.36 12.49
C GLN A 55 1.29 -19.02 13.75
N PHE A 56 2.58 -18.86 14.04
CA PHE A 56 3.17 -19.57 15.17
C PHE A 56 2.76 -18.98 16.50
N ASN A 57 3.10 -17.70 16.74
CA ASN A 57 2.93 -17.13 18.07
C ASN A 57 1.47 -16.94 18.45
N ARG A 58 0.61 -16.62 17.49
CA ARG A 58 -0.84 -16.54 17.70
C ARG A 58 -1.19 -15.47 18.75
N GLU A 59 -0.70 -14.25 18.55
CA GLU A 59 -0.94 -13.17 19.49
C GLU A 59 -1.33 -11.85 18.87
N GLY A 60 -1.13 -11.65 17.56
CA GLY A 60 -1.51 -10.42 16.91
C GLY A 60 -0.29 -9.66 16.40
N ALA A 61 -0.53 -8.44 15.93
CA ALA A 61 0.52 -7.61 15.34
C ALA A 61 1.55 -7.11 16.36
N ALA A 62 1.19 -7.07 17.65
CA ALA A 62 2.11 -6.60 18.67
C ALA A 62 2.45 -7.64 19.72
N GLY A 63 1.64 -8.69 19.87
CA GLY A 63 1.93 -9.73 20.85
C GLY A 63 2.90 -10.79 20.40
N VAL A 64 3.31 -10.76 19.12
CA VAL A 64 4.28 -11.74 18.63
C VAL A 64 5.70 -11.40 19.06
N TRP A 65 5.91 -10.24 19.67
CA TRP A 65 7.25 -9.79 20.05
C TRP A 65 7.64 -10.22 21.46
N LYS A 66 7.07 -11.32 21.95
CA LYS A 66 7.61 -11.99 23.12
C LYS A 66 8.93 -12.69 22.82
N ILE A 67 9.25 -12.88 21.53
CA ILE A 67 10.55 -13.41 21.15
C ILE A 67 11.65 -12.37 21.26
N CYS A 68 11.30 -11.09 21.27
CA CYS A 68 12.26 -10.00 21.49
C CYS A 68 11.53 -8.88 22.19
N PRO A 69 11.54 -8.87 23.53
CA PRO A 69 10.72 -7.89 24.26
C PRO A 69 11.07 -6.45 23.99
N ILE A 70 12.34 -6.13 23.70
CA ILE A 70 12.73 -4.74 23.52
C ILE A 70 12.30 -4.17 22.18
N LEU A 71 12.10 -5.01 21.17
CA LEU A 71 11.68 -4.55 19.84
C LEU A 71 10.17 -4.65 19.66
N LYS A 72 9.40 -4.06 20.59
CA LYS A 72 7.94 -4.14 20.53
C LYS A 72 7.30 -2.87 20.01
N GLY A 73 8.06 -1.79 19.83
CA GLY A 73 7.51 -0.57 19.24
C GLY A 73 7.19 -0.69 17.77
N VAL A 74 7.83 -1.63 17.07
CA VAL A 74 7.49 -1.90 15.68
C VAL A 74 6.09 -2.49 15.55
N GLY A 75 5.49 -2.95 16.64
CA GLY A 75 4.09 -3.36 16.61
C GLY A 75 3.13 -2.20 16.58
N PHE A 76 3.49 -1.08 17.22
CA PHE A 76 2.69 0.14 17.14
C PHE A 76 2.99 0.96 15.90
N THR A 77 4.22 0.82 15.36
CA THR A 77 4.59 1.52 14.13
C THR A 77 3.66 1.12 12.98
N VAL A 78 3.39 -0.18 12.84
CA VAL A 78 2.56 -0.65 11.73
C VAL A 78 1.12 -0.20 11.92
N ILE A 79 0.63 -0.18 13.16
CA ILE A 79 -0.72 0.30 13.44
C ILE A 79 -0.84 1.77 13.05
N LEU A 80 0.15 2.57 13.41
CA LEU A 80 0.15 3.98 13.04
C LEU A 80 0.19 4.16 11.53
N ILE A 81 0.98 3.34 10.84
CA ILE A 81 1.06 3.42 9.38
C ILE A 81 -0.29 3.11 8.75
N SER A 82 -0.96 2.06 9.23
CA SER A 82 -2.27 1.71 8.71
C SER A 82 -3.28 2.83 8.95
N LEU A 83 -3.26 3.41 10.14
CA LEU A 83 -4.15 4.52 10.45
C LEU A 83 -3.91 5.69 9.51
N TYR A 84 -2.64 6.02 9.26
CA TYR A 84 -2.33 7.12 8.35
C TYR A 84 -2.79 6.83 6.92
N VAL A 85 -2.59 5.59 6.46
CA VAL A 85 -2.96 5.25 5.08
C VAL A 85 -4.47 5.31 4.89
N GLY A 86 -5.23 4.90 5.91
CA GLY A 86 -6.68 4.97 5.83
C GLY A 86 -7.23 6.38 5.68
N PHE A 87 -6.44 7.40 6.03
CA PHE A 87 -6.91 8.77 5.94
C PHE A 87 -7.04 9.26 4.50
N PHE A 88 -6.34 8.62 3.56
CA PHE A 88 -6.45 8.98 2.15
C PHE A 88 -6.82 7.82 1.24
N TYR A 89 -6.88 6.59 1.74
CA TYR A 89 -7.25 5.47 0.88
C TYR A 89 -8.72 5.51 0.50
N ASN A 90 -9.60 6.02 1.38
CA ASN A 90 -11.03 6.01 1.13
C ASN A 90 -11.48 7.11 0.17
N VAL A 91 -10.66 8.13 -0.05
CA VAL A 91 -11.03 9.20 -0.97
C VAL A 91 -11.08 8.68 -2.41
N ILE A 92 -10.19 7.75 -2.77
CA ILE A 92 -10.24 7.15 -4.10
C ILE A 92 -11.53 6.35 -4.27
N ILE A 93 -11.95 5.65 -3.22
CA ILE A 93 -13.22 4.92 -3.27
C ILE A 93 -14.38 5.90 -3.43
N ALA A 94 -14.32 7.04 -2.74
CA ALA A 94 -15.35 8.05 -2.90
C ALA A 94 -15.39 8.61 -4.32
N TRP A 95 -14.21 8.82 -4.92
CA TRP A 95 -14.16 9.27 -6.32
C TRP A 95 -14.78 8.24 -7.25
N ALA A 96 -14.46 6.97 -7.04
CA ALA A 96 -15.03 5.92 -7.88
C ALA A 96 -16.54 5.85 -7.73
N LEU A 97 -17.03 6.00 -6.50
CA LEU A 97 -18.48 5.99 -6.27
C LEU A 97 -19.15 7.17 -6.97
N HIS A 98 -18.53 8.35 -6.91
CA HIS A 98 -19.07 9.52 -7.60
C HIS A 98 -19.13 9.28 -9.11
N TYR A 99 -18.07 8.72 -9.68
CA TYR A 99 -18.04 8.45 -11.12
C TYR A 99 -19.09 7.40 -11.51
N LEU A 100 -19.26 6.38 -10.68
CA LEU A 100 -20.29 5.37 -10.96
C LEU A 100 -21.69 5.98 -10.89
N PHE A 101 -21.92 6.86 -9.91
CA PHE A 101 -23.22 7.52 -9.82
C PHE A 101 -23.49 8.39 -11.04
N SER A 102 -22.46 9.09 -11.53
CA SER A 102 -22.61 9.99 -12.67
C SER A 102 -22.53 9.28 -14.02
N SER A 103 -22.22 7.98 -14.03
CA SER A 103 -22.06 7.26 -15.28
C SER A 103 -23.24 6.34 -15.59
N PHE A 104 -24.45 6.74 -15.22
CA PHE A 104 -25.66 5.94 -15.46
C PHE A 104 -26.60 6.58 -16.47
N THR A 105 -26.06 7.23 -17.50
CA THR A 105 -26.87 7.96 -18.47
C THR A 105 -26.40 7.65 -19.89
N THR A 106 -27.21 8.05 -20.86
CA THR A 106 -26.89 7.87 -22.27
C THR A 106 -25.94 8.94 -22.80
N GLU A 107 -25.76 10.04 -22.08
CA GLU A 107 -24.85 11.12 -22.47
C GLU A 107 -23.82 11.29 -21.37
N LEU A 108 -22.65 10.67 -21.54
CA LEU A 108 -21.62 10.74 -20.53
C LEU A 108 -21.15 12.19 -20.36
N PRO A 109 -20.92 12.65 -19.12
CA PRO A 109 -20.62 14.07 -18.90
C PRO A 109 -19.23 14.50 -19.34
N TRP A 110 -18.37 13.59 -19.79
CA TRP A 110 -17.01 13.92 -20.21
C TRP A 110 -16.84 13.79 -21.72
N ILE A 111 -17.87 14.15 -22.48
CA ILE A 111 -17.84 13.97 -23.93
C ILE A 111 -17.30 15.20 -24.64
N HIS A 112 -17.86 16.38 -24.36
CA HIS A 112 -17.46 17.58 -25.10
C HIS A 112 -17.14 18.74 -24.16
N CYS A 113 -16.93 19.92 -24.74
CA CYS A 113 -16.54 21.12 -23.99
C CYS A 113 -17.63 22.18 -23.97
N ASN A 114 -18.89 21.77 -24.07
CA ASN A 114 -20.03 22.70 -24.09
C ASN A 114 -20.77 22.73 -22.76
N ASN A 115 -20.04 22.59 -21.65
CA ASN A 115 -20.62 22.54 -20.32
C ASN A 115 -20.26 23.81 -19.55
N SER A 116 -20.79 23.91 -18.32
CA SER A 116 -20.55 25.07 -17.48
C SER A 116 -19.23 25.01 -16.73
N TRP A 117 -18.59 23.84 -16.66
CA TRP A 117 -17.32 23.69 -15.96
C TRP A 117 -16.12 23.79 -16.88
N ASN A 118 -16.33 24.09 -18.16
CA ASN A 118 -15.25 24.14 -19.13
C ASN A 118 -14.65 25.54 -19.20
N SER A 119 -13.47 25.63 -19.82
CA SER A 119 -12.74 26.86 -20.01
C SER A 119 -12.45 27.06 -21.50
N PRO A 120 -12.21 28.30 -21.93
CA PRO A 120 -11.92 28.54 -23.35
C PRO A 120 -10.69 27.81 -23.89
N ASN A 121 -9.96 27.08 -23.04
CA ASN A 121 -8.77 26.34 -23.46
C ASN A 121 -9.03 24.85 -23.61
N CYS A 122 -10.23 24.47 -24.04
CA CYS A 122 -10.60 23.06 -24.20
C CYS A 122 -10.25 22.59 -25.61
N SER A 123 -9.68 21.38 -25.70
CA SER A 123 -9.22 20.87 -26.99
C SER A 123 -10.38 20.63 -27.93
N ASP A 124 -11.42 19.96 -27.47
CA ASP A 124 -12.57 19.65 -28.33
C ASP A 124 -13.42 20.89 -28.57
N GLY A 142 -4.35 23.50 -25.54
CA GLY A 142 -5.51 22.64 -25.71
C GLY A 142 -5.59 21.51 -24.70
N THR A 143 -6.61 21.56 -23.86
CA THR A 143 -6.82 20.58 -22.80
C THR A 143 -7.99 19.69 -23.16
N THR A 144 -7.81 18.38 -23.02
CA THR A 144 -8.85 17.43 -23.36
C THR A 144 -10.04 17.58 -22.41
N PRO A 145 -11.26 17.35 -22.89
CA PRO A 145 -12.44 17.51 -22.02
C PRO A 145 -12.48 16.56 -20.83
N ALA A 146 -11.83 15.40 -20.91
CA ALA A 146 -11.85 14.46 -19.80
C ALA A 146 -11.08 15.01 -18.59
N ALA A 147 -9.86 15.49 -18.83
CA ALA A 147 -9.07 16.08 -17.74
C ALA A 147 -9.74 17.33 -17.20
N GLU A 148 -10.30 18.15 -18.09
CA GLU A 148 -11.00 19.34 -17.65
C GLU A 148 -12.20 18.98 -16.78
N TYR A 149 -12.94 17.94 -17.16
CA TYR A 149 -14.05 17.47 -16.33
C TYR A 149 -13.55 17.03 -14.96
N PHE A 150 -12.55 16.14 -14.94
CA PHE A 150 -12.04 15.61 -13.67
C PHE A 150 -11.52 16.71 -12.76
N GLU A 151 -10.97 17.79 -13.32
CA GLU A 151 -10.37 18.83 -12.51
C GLU A 151 -11.29 20.00 -12.20
N ARG A 152 -12.39 20.18 -12.93
CA ARG A 152 -13.23 21.34 -12.74
C ARG A 152 -14.70 21.05 -12.48
N GLY A 153 -15.16 19.80 -12.57
CA GLY A 153 -16.54 19.49 -12.30
C GLY A 153 -16.69 18.48 -11.18
N VAL A 154 -15.60 17.80 -10.86
CA VAL A 154 -15.55 16.82 -9.78
C VAL A 154 -14.73 17.34 -8.62
N LEU A 155 -13.53 17.85 -8.89
CA LEU A 155 -12.62 18.31 -7.85
C LEU A 155 -12.72 19.79 -7.58
N HIS A 156 -13.12 20.58 -8.57
CA HIS A 156 -13.16 22.05 -8.47
C HIS A 156 -11.80 22.61 -8.06
N LEU A 157 -10.74 22.10 -8.71
CA LEU A 157 -9.38 22.51 -8.38
C LEU A 157 -9.11 23.96 -8.77
N HIS A 158 -9.84 24.49 -9.76
CA HIS A 158 -9.57 25.82 -10.27
C HIS A 158 -9.94 26.94 -9.30
N GLN A 159 -10.60 26.61 -8.18
CA GLN A 159 -11.01 27.60 -7.20
C GLN A 159 -10.07 27.65 -6.00
N SER A 160 -8.88 27.05 -6.10
CA SER A 160 -7.92 27.03 -5.02
C SER A 160 -6.55 27.46 -5.53
N HIS A 161 -5.80 28.16 -4.67
CA HIS A 161 -4.46 28.62 -5.04
C HIS A 161 -3.37 27.67 -4.60
N GLY A 162 -3.56 26.96 -3.50
CA GLY A 162 -2.54 26.04 -3.03
C GLY A 162 -2.99 25.30 -1.80
N ILE A 163 -2.04 24.72 -1.09
CA ILE A 163 -2.34 24.02 0.15
C ILE A 163 -2.63 24.97 1.29
N ASP A 164 -2.34 26.26 1.14
CA ASP A 164 -2.66 27.27 2.13
C ASP A 164 -4.04 27.88 1.93
N ASP A 165 -4.74 27.50 0.86
CA ASP A 165 -6.09 27.99 0.58
C ASP A 165 -6.87 26.73 0.17
N LEU A 166 -7.51 26.10 1.16
CA LEU A 166 -8.22 24.85 0.93
C LEU A 166 -9.68 25.09 0.56
N GLY A 167 -10.42 25.79 1.42
CA GLY A 167 -11.82 26.04 1.19
C GLY A 167 -12.70 25.06 1.93
N PRO A 168 -14.01 25.33 1.95
CA PRO A 168 -14.92 24.43 2.65
C PRO A 168 -15.06 23.11 1.90
N PRO A 169 -15.41 22.02 2.59
CA PRO A 169 -15.62 20.75 1.90
C PRO A 169 -16.81 20.83 0.96
N ARG A 170 -16.72 20.06 -0.13
CA ARG A 170 -17.80 19.96 -1.11
C ARG A 170 -18.79 18.90 -0.66
N TRP A 171 -20.09 19.23 -0.73
CA TRP A 171 -21.11 18.33 -0.22
C TRP A 171 -21.37 17.14 -1.12
N GLN A 172 -20.94 17.19 -2.39
CA GLN A 172 -21.22 16.09 -3.30
C GLN A 172 -20.34 14.88 -3.01
N LEU A 173 -19.05 15.11 -2.71
CA LEU A 173 -18.15 14.01 -2.38
C LEU A 173 -18.28 13.57 -0.92
N THR A 174 -18.77 14.46 -0.05
CA THR A 174 -18.97 14.10 1.35
C THR A 174 -20.06 13.05 1.50
N ALA A 175 -21.07 13.04 0.63
CA ALA A 175 -22.09 12.00 0.68
C ALA A 175 -21.50 10.63 0.37
N CYS A 176 -20.64 10.55 -0.65
CA CYS A 176 -19.97 9.30 -0.97
C CYS A 176 -19.05 8.87 0.16
N LEU A 177 -18.35 9.82 0.76
CA LEU A 177 -17.51 9.51 1.92
C LEU A 177 -18.34 8.93 3.07
N VAL A 178 -19.50 9.53 3.33
CA VAL A 178 -20.38 9.04 4.38
C VAL A 178 -20.85 7.63 4.07
N LEU A 179 -21.21 7.36 2.82
CA LEU A 179 -21.66 6.02 2.44
C LEU A 179 -20.56 4.99 2.67
N VAL A 180 -19.33 5.30 2.23
CA VAL A 180 -18.23 4.36 2.41
C VAL A 180 -17.96 4.13 3.90
N ILE A 181 -17.97 5.20 4.68
CA ILE A 181 -17.69 5.07 6.12
C ILE A 181 -18.77 4.24 6.81
N VAL A 182 -20.03 4.46 6.45
CA VAL A 182 -21.12 3.70 7.05
C VAL A 182 -21.01 2.22 6.70
N LEU A 183 -20.69 1.92 5.44
CA LEU A 183 -20.50 0.52 5.05
C LEU A 183 -19.38 -0.12 5.87
N LEU A 184 -18.24 0.56 5.98
CA LEU A 184 -17.12 0.01 6.72
C LEU A 184 -17.48 -0.23 8.18
N TYR A 185 -18.11 0.76 8.81
CA TYR A 185 -18.43 0.63 10.23
C TYR A 185 -19.42 -0.50 10.47
N PHE A 186 -20.46 -0.60 9.63
CA PHE A 186 -21.45 -1.64 9.86
C PHE A 186 -20.96 -3.02 9.48
N SER A 187 -19.90 -3.12 8.69
CA SER A 187 -19.28 -4.41 8.46
C SER A 187 -18.10 -4.69 9.39
N LEU A 188 -17.74 -3.75 10.27
CA LEU A 188 -16.63 -3.94 11.20
C LEU A 188 -17.01 -3.61 12.64
N TRP A 189 -18.22 -3.98 13.07
CA TRP A 189 -18.67 -3.64 14.42
C TRP A 189 -18.90 -4.85 15.30
N LYS A 190 -18.53 -6.05 14.85
CA LYS A 190 -18.67 -7.24 15.68
C LYS A 190 -17.35 -7.99 15.77
N VAL A 199 -16.17 -11.25 -0.03
CA VAL A 199 -14.90 -11.87 -0.41
C VAL A 199 -15.12 -12.80 -1.61
N TRP A 200 -16.18 -13.61 -1.54
CA TRP A 200 -16.49 -14.50 -2.66
C TRP A 200 -16.91 -13.71 -3.89
N ILE A 201 -17.68 -12.62 -3.70
CA ILE A 201 -18.05 -11.77 -4.82
C ILE A 201 -16.83 -11.10 -5.41
N THR A 202 -15.93 -10.60 -4.55
CA THR A 202 -14.69 -9.98 -5.01
C THR A 202 -13.69 -10.99 -5.57
N ALA A 203 -13.94 -12.28 -5.40
CA ALA A 203 -12.98 -13.28 -5.84
C ALA A 203 -12.85 -13.30 -7.36
N THR A 204 -13.96 -13.15 -8.08
CA THR A 204 -13.99 -13.41 -9.52
C THR A 204 -14.27 -12.19 -10.37
N MET A 205 -15.16 -11.30 -9.93
CA MET A 205 -15.62 -10.21 -10.79
C MET A 205 -14.50 -9.29 -11.26
N PRO A 206 -13.58 -8.81 -10.40
CA PRO A 206 -12.51 -7.94 -10.92
C PRO A 206 -11.67 -8.60 -12.00
N TYR A 207 -11.38 -9.89 -11.88
CA TYR A 207 -10.56 -10.56 -12.89
C TYR A 207 -11.31 -10.70 -14.20
N VAL A 208 -12.63 -10.96 -14.13
CA VAL A 208 -13.44 -11.05 -15.35
C VAL A 208 -13.45 -9.69 -16.07
N VAL A 209 -13.65 -8.61 -15.30
CA VAL A 209 -13.69 -7.29 -15.91
C VAL A 209 -12.33 -6.93 -16.49
N LEU A 210 -11.25 -7.26 -15.78
CA LEU A 210 -9.91 -6.97 -16.28
C LEU A 210 -9.61 -7.73 -17.56
N THR A 211 -10.01 -9.01 -17.62
CA THR A 211 -9.78 -9.80 -18.83
C THR A 211 -10.58 -9.26 -20.01
N ALA A 212 -11.84 -8.87 -19.77
CA ALA A 212 -12.63 -8.28 -20.85
C ALA A 212 -12.01 -6.98 -21.35
N LEU A 213 -11.56 -6.13 -20.42
CA LEU A 213 -10.91 -4.88 -20.81
C LEU A 213 -9.64 -5.13 -21.60
N LEU A 214 -8.85 -6.12 -21.18
CA LEU A 214 -7.63 -6.46 -21.90
C LEU A 214 -7.92 -6.95 -23.31
N LEU A 215 -8.93 -7.82 -23.46
CA LEU A 215 -9.30 -8.31 -24.78
C LEU A 215 -9.77 -7.18 -25.68
N ARG A 216 -10.57 -6.26 -25.12
CA ARG A 216 -11.02 -5.12 -25.92
C ARG A 216 -9.85 -4.22 -26.31
N GLY A 217 -8.94 -3.95 -25.38
CA GLY A 217 -7.85 -3.03 -25.65
C GLY A 217 -6.85 -3.57 -26.66
N VAL A 218 -6.60 -4.87 -26.62
CA VAL A 218 -5.59 -5.45 -27.53
C VAL A 218 -6.01 -5.28 -28.98
N THR A 219 -7.28 -5.49 -29.28
CA THR A 219 -7.77 -5.44 -30.66
C THR A 219 -7.89 -4.03 -31.21
N LEU A 220 -7.79 -3.00 -30.37
CA LEU A 220 -7.93 -1.63 -30.84
C LEU A 220 -6.73 -1.24 -31.70
N PRO A 221 -6.93 -0.56 -32.82
CA PRO A 221 -5.80 -0.12 -33.65
C PRO A 221 -4.90 0.84 -32.89
N GLY A 222 -3.59 0.72 -33.12
CA GLY A 222 -2.62 1.60 -32.50
C GLY A 222 -2.10 1.16 -31.15
N ALA A 223 -2.60 0.04 -30.60
CA ALA A 223 -2.13 -0.43 -29.32
C ALA A 223 -0.77 -1.13 -29.40
N ILE A 224 -0.37 -1.58 -30.59
CA ILE A 224 0.89 -2.29 -30.74
C ILE A 224 2.07 -1.37 -30.40
N ASP A 225 2.00 -0.11 -30.83
CA ASP A 225 3.03 0.85 -30.47
C ASP A 225 3.04 1.09 -28.96
N GLY A 226 1.87 1.11 -28.33
CA GLY A 226 1.81 1.27 -26.89
C GLY A 226 2.48 0.13 -26.14
N ILE A 227 2.22 -1.12 -26.56
CA ILE A 227 2.88 -2.24 -25.89
C ILE A 227 4.37 -2.27 -26.23
N ARG A 228 4.76 -1.77 -27.41
CA ARG A 228 6.17 -1.64 -27.72
C ARG A 228 6.86 -0.67 -26.76
N ALA A 229 6.22 0.46 -26.49
CA ALA A 229 6.77 1.41 -25.52
C ALA A 229 6.78 0.79 -24.12
N TYR A 230 5.76 -0.01 -23.80
CA TYR A 230 5.70 -0.65 -22.48
C TYR A 230 6.85 -1.63 -22.27
N LEU A 231 7.20 -2.41 -23.31
CA LEU A 231 8.20 -3.46 -23.18
C LEU A 231 9.58 -3.02 -23.67
N SER A 232 9.93 -1.75 -23.48
CA SER A 232 11.24 -1.23 -23.87
C SER A 232 11.85 -0.50 -22.68
N VAL A 233 13.13 -0.76 -22.43
CA VAL A 233 13.83 -0.20 -21.27
C VAL A 233 15.04 0.58 -21.76
N ASP A 234 15.19 1.81 -21.26
CA ASP A 234 16.38 2.62 -21.50
C ASP A 234 17.28 2.57 -20.27
N PHE A 235 18.57 2.33 -20.51
CA PHE A 235 19.52 2.05 -19.45
C PHE A 235 20.16 3.31 -18.87
N TYR A 236 19.50 4.46 -18.99
CA TYR A 236 20.00 5.67 -18.35
C TYR A 236 19.20 6.05 -17.10
N ARG A 237 17.93 5.62 -17.03
CA ARG A 237 17.12 5.86 -15.84
C ARG A 237 17.45 4.90 -14.71
N LEU A 238 18.08 3.77 -15.01
CA LEU A 238 18.44 2.81 -13.97
C LEU A 238 19.61 3.29 -13.13
N CYS A 239 20.38 4.27 -13.62
CA CYS A 239 21.53 4.79 -12.90
C CYS A 239 21.16 5.86 -11.89
N GLU A 240 19.89 6.23 -11.80
CA GLU A 240 19.42 7.22 -10.84
C GLU A 240 18.73 6.52 -9.67
N ALA A 241 18.94 7.06 -8.47
CA ALA A 241 18.42 6.44 -7.26
C ALA A 241 16.99 6.89 -6.96
N SER A 242 16.11 6.77 -7.94
CA SER A 242 14.69 7.07 -7.73
C SER A 242 13.79 5.94 -8.20
N VAL A 243 14.13 5.29 -9.32
CA VAL A 243 13.35 4.14 -9.78
C VAL A 243 13.42 3.02 -8.74
N TRP A 244 14.57 2.84 -8.11
CA TRP A 244 14.71 1.78 -7.11
C TRP A 244 13.88 2.07 -5.86
N ILE A 245 13.87 3.32 -5.41
CA ILE A 245 13.03 3.70 -4.28
C ILE A 245 11.56 3.50 -4.61
N ASP A 246 11.15 3.94 -5.81
CA ASP A 246 9.76 3.77 -6.22
C ASP A 246 9.38 2.30 -6.28
N ALA A 247 10.26 1.46 -6.85
CA ALA A 247 9.96 0.03 -6.95
C ALA A 247 9.85 -0.62 -5.58
N ALA A 248 10.78 -0.31 -4.67
CA ALA A 248 10.74 -0.92 -3.34
C ALA A 248 9.47 -0.49 -2.60
N THR A 249 9.16 0.81 -2.63
CA THR A 249 7.97 1.29 -1.94
C THR A 249 6.71 0.70 -2.54
N GLN A 250 6.64 0.59 -3.87
CA GLN A 250 5.47 0.01 -4.50
C GLN A 250 5.29 -1.45 -4.15
N VAL A 251 6.38 -2.22 -4.13
CA VAL A 251 6.28 -3.63 -3.78
C VAL A 251 5.78 -3.78 -2.35
N CYS A 252 6.36 -3.01 -1.42
CA CYS A 252 5.93 -3.10 -0.02
C CYS A 252 4.47 -2.67 0.14
N PHE A 253 4.06 -1.60 -0.56
CA PHE A 253 2.70 -1.12 -0.46
C PHE A 253 1.69 -2.10 -1.03
N SER A 254 2.00 -2.70 -2.19
CA SER A 254 1.04 -3.57 -2.86
C SER A 254 0.93 -4.92 -2.15
N LEU A 255 2.06 -5.49 -1.73
CA LEU A 255 2.02 -6.80 -1.11
C LEU A 255 1.22 -6.79 0.20
N GLY A 256 1.36 -5.73 0.98
CA GLY A 256 0.71 -5.64 2.27
C GLY A 256 1.60 -5.89 3.45
N VAL A 257 2.91 -6.05 3.24
CA VAL A 257 3.85 -6.22 4.34
C VAL A 257 4.19 -4.87 4.93
N GLY A 258 4.23 -4.79 6.25
CA GLY A 258 4.47 -3.55 6.95
C GLY A 258 3.24 -2.88 7.51
N PHE A 259 2.08 -3.53 7.46
CA PHE A 259 0.85 -3.00 8.03
C PHE A 259 0.36 -3.78 9.23
N GLY A 260 0.88 -4.98 9.47
CA GLY A 260 0.40 -5.82 10.56
C GLY A 260 -0.83 -6.62 10.25
N VAL A 261 -1.25 -6.68 8.98
CA VAL A 261 -2.49 -7.36 8.63
C VAL A 261 -2.26 -8.85 8.45
N LEU A 262 -1.13 -9.25 7.86
CA LEU A 262 -0.86 -10.67 7.64
C LEU A 262 -0.65 -11.41 8.95
N ILE A 263 0.01 -10.76 9.93
CA ILE A 263 0.21 -11.38 11.24
C ILE A 263 -1.14 -11.65 11.90
N ALA A 264 -2.03 -10.65 11.88
CA ALA A 264 -3.35 -10.81 12.49
C ALA A 264 -4.17 -11.86 11.76
N PHE A 265 -4.07 -11.89 10.42
CA PHE A 265 -4.81 -12.89 9.66
C PHE A 265 -4.35 -14.30 9.99
N SER A 266 -3.03 -14.51 10.07
CA SER A 266 -2.51 -15.83 10.36
C SER A 266 -2.66 -16.22 11.83
N SER A 267 -2.86 -15.26 12.73
CA SER A 267 -3.09 -15.59 14.13
C SER A 267 -4.41 -16.31 14.36
N TYR A 268 -5.33 -16.26 13.40
CA TYR A 268 -6.64 -16.89 13.52
C TYR A 268 -6.75 -18.17 12.70
N ASN A 269 -5.65 -18.70 12.21
CA ASN A 269 -5.66 -19.80 11.25
C ASN A 269 -5.20 -21.08 11.92
N LYS A 270 -5.43 -22.20 11.23
CA LYS A 270 -5.07 -23.52 11.74
C LYS A 270 -3.56 -23.65 11.90
N PHE A 271 -3.14 -24.38 12.94
CA PHE A 271 -1.72 -24.59 13.20
C PHE A 271 -1.05 -25.34 12.06
N THR A 272 -1.69 -26.42 11.59
CA THR A 272 -1.12 -27.24 10.52
C THR A 272 -1.61 -26.73 9.16
N ASN A 273 -1.01 -25.61 8.76
CA ASN A 273 -1.36 -24.96 7.51
C ASN A 273 -0.08 -24.63 6.74
N ASN A 274 -0.17 -24.72 5.41
CA ASN A 274 0.96 -24.44 4.54
C ASN A 274 0.95 -22.95 4.17
N CYS A 275 1.83 -22.18 4.81
CA CYS A 275 1.99 -20.77 4.48
C CYS A 275 2.94 -20.54 3.31
N TYR A 276 3.82 -21.50 3.04
CA TYR A 276 4.69 -21.45 1.87
C TYR A 276 3.88 -21.36 0.57
N ARG A 277 2.93 -22.28 0.41
CA ARG A 277 2.09 -22.28 -0.78
C ARG A 277 1.24 -21.03 -0.88
N ASP A 278 0.68 -20.59 0.25
CA ASP A 278 -0.16 -19.39 0.25
C ASP A 278 0.65 -18.16 -0.17
N ALA A 279 1.86 -18.02 0.37
CA ALA A 279 2.71 -16.89 -0.01
C ALA A 279 3.06 -16.92 -1.49
N ILE A 280 3.43 -18.11 -2.00
CA ILE A 280 3.80 -18.21 -3.40
C ILE A 280 2.62 -17.82 -4.30
N VAL A 281 1.44 -18.37 -4.00
CA VAL A 281 0.28 -18.11 -4.85
C VAL A 281 -0.11 -16.63 -4.80
N THR A 282 -0.11 -16.05 -3.61
CA THR A 282 -0.50 -14.64 -3.50
C THR A 282 0.47 -13.73 -4.24
N THR A 283 1.78 -13.99 -4.10
CA THR A 283 2.77 -13.17 -4.80
C THR A 283 2.61 -13.30 -6.32
N SER A 284 2.42 -14.52 -6.81
CA SER A 284 2.26 -14.71 -8.25
C SER A 284 1.02 -13.98 -8.77
N ILE A 285 -0.09 -14.08 -8.05
CA ILE A 285 -1.32 -13.42 -8.49
C ILE A 285 -1.15 -11.91 -8.49
N ASN A 286 -0.49 -11.37 -7.46
CA ASN A 286 -0.25 -9.93 -7.39
C ASN A 286 0.58 -9.45 -8.58
N SER A 287 1.66 -10.16 -8.89
CA SER A 287 2.51 -9.77 -10.01
C SER A 287 1.76 -9.83 -11.34
N LEU A 288 0.99 -10.90 -11.54
CA LEU A 288 0.24 -11.03 -12.79
C LEU A 288 -0.79 -9.92 -12.93
N THR A 289 -1.50 -9.59 -11.85
CA THR A 289 -2.50 -8.53 -11.92
C THR A 289 -1.86 -7.19 -12.25
N SER A 290 -0.73 -6.86 -11.62
CA SER A 290 -0.06 -5.60 -11.92
C SER A 290 0.40 -5.55 -13.38
N PHE A 291 0.96 -6.65 -13.87
CA PHE A 291 1.42 -6.69 -15.26
C PHE A 291 0.26 -6.48 -16.23
N SER A 292 -0.87 -7.15 -15.98
CA SER A 292 -2.02 -7.00 -16.87
C SER A 292 -2.58 -5.58 -16.83
N SER A 293 -2.64 -4.97 -15.64
CA SER A 293 -3.13 -3.59 -15.55
C SER A 293 -2.25 -2.64 -16.34
N GLY A 294 -0.93 -2.77 -16.20
CA GLY A 294 -0.04 -1.92 -16.97
C GLY A 294 -0.17 -2.14 -18.47
N PHE A 295 -0.30 -3.39 -18.88
CA PHE A 295 -0.45 -3.71 -20.29
C PHE A 295 -1.70 -3.05 -20.87
N VAL A 296 -2.82 -3.14 -20.14
CA VAL A 296 -4.06 -2.53 -20.60
C VAL A 296 -3.92 -1.01 -20.70
N VAL A 297 -3.32 -0.40 -19.68
CA VAL A 297 -3.20 1.06 -19.67
C VAL A 297 -2.35 1.53 -20.84
N PHE A 298 -1.23 0.85 -21.10
CA PHE A 298 -0.37 1.29 -22.20
C PHE A 298 -0.99 1.01 -23.56
N SER A 299 -1.78 -0.06 -23.70
CA SER A 299 -2.51 -0.28 -24.94
C SER A 299 -3.49 0.86 -25.20
N PHE A 300 -4.23 1.27 -24.17
CA PHE A 300 -5.17 2.38 -24.35
C PHE A 300 -4.43 3.69 -24.66
N LEU A 301 -3.29 3.92 -24.01
CA LEU A 301 -2.51 5.12 -24.30
C LEU A 301 -2.04 5.14 -25.74
N GLY A 302 -1.56 4.01 -26.25
CA GLY A 302 -1.14 3.94 -27.65
C GLY A 302 -2.30 4.15 -28.61
N TYR A 303 -3.45 3.57 -28.31
CA TYR A 303 -4.62 3.77 -29.16
C TYR A 303 -5.02 5.25 -29.20
N MET A 304 -5.04 5.91 -28.04
CA MET A 304 -5.38 7.33 -28.02
C MET A 304 -4.35 8.16 -28.77
N ALA A 305 -3.07 7.84 -28.61
CA ALA A 305 -2.02 8.60 -29.30
C ALA A 305 -2.15 8.45 -30.80
N GLN A 306 -2.46 7.25 -31.28
CA GLN A 306 -2.66 7.07 -32.72
C GLN A 306 -3.91 7.80 -33.19
N LYS A 307 -4.98 7.77 -32.40
CA LYS A 307 -6.23 8.44 -32.77
C LYS A 307 -6.01 9.94 -32.92
N HIS A 308 -5.36 10.56 -31.95
CA HIS A 308 -4.98 11.97 -32.05
C HIS A 308 -3.67 12.06 -32.85
N SER A 309 -3.06 13.24 -32.85
CA SER A 309 -1.74 13.41 -33.47
C SER A 309 -0.80 13.97 -32.40
N VAL A 310 -0.27 13.08 -31.57
CA VAL A 310 0.61 13.42 -30.46
C VAL A 310 1.55 12.25 -30.20
N PRO A 311 2.69 12.46 -29.57
CA PRO A 311 3.49 11.34 -29.08
C PRO A 311 2.85 10.69 -27.87
N ILE A 312 3.31 9.47 -27.56
CA ILE A 312 2.77 8.74 -26.41
C ILE A 312 3.10 9.48 -25.11
N GLY A 313 4.28 10.07 -25.04
CA GLY A 313 4.71 10.75 -23.83
C GLY A 313 4.05 12.09 -23.58
N ASP A 314 3.26 12.59 -24.53
CA ASP A 314 2.56 13.86 -24.38
C ASP A 314 1.05 13.69 -24.45
N VAL A 315 0.55 12.52 -24.09
CA VAL A 315 -0.89 12.27 -24.13
C VAL A 315 -1.57 12.82 -22.89
N ALA A 316 -0.98 12.57 -21.72
CA ALA A 316 -1.55 13.06 -20.48
C ALA A 316 -0.43 13.41 -19.51
N LYS A 317 -0.71 14.35 -18.62
CA LYS A 317 0.26 14.76 -17.62
C LYS A 317 0.39 13.68 -16.54
N ASP A 318 1.56 13.67 -15.89
CA ASP A 318 1.81 12.72 -14.82
C ASP A 318 1.07 13.14 -13.55
N GLY A 319 0.52 12.14 -12.86
CA GLY A 319 -0.19 12.39 -11.62
C GLY A 319 -1.11 11.24 -11.27
N PRO A 320 -1.70 11.29 -10.07
CA PRO A 320 -2.65 10.25 -9.63
C PRO A 320 -4.07 10.46 -10.14
N GLY A 321 -4.19 10.76 -11.43
CA GLY A 321 -5.48 10.90 -12.08
C GLY A 321 -5.43 10.25 -13.45
N LEU A 322 -4.39 9.44 -13.67
CA LEU A 322 -4.21 8.79 -14.96
C LEU A 322 -5.36 7.85 -15.29
N ILE A 323 -5.79 7.05 -14.31
CA ILE A 323 -6.85 6.09 -14.58
C ILE A 323 -8.23 6.76 -14.58
N PHE A 324 -8.35 7.96 -14.02
CA PHE A 324 -9.60 8.71 -14.08
C PHE A 324 -9.70 9.57 -15.32
N ILE A 325 -8.59 9.80 -16.03
CA ILE A 325 -8.60 10.59 -17.26
C ILE A 325 -8.52 9.71 -18.50
N ILE A 326 -7.57 8.76 -18.54
CA ILE A 326 -7.34 7.98 -19.75
C ILE A 326 -8.49 7.01 -20.01
N TYR A 327 -8.95 6.31 -18.97
CA TYR A 327 -9.98 5.30 -19.17
C TYR A 327 -11.29 5.88 -19.69
N PRO A 328 -11.88 6.92 -19.09
CA PRO A 328 -13.09 7.50 -19.71
C PRO A 328 -12.84 8.03 -21.12
N GLU A 329 -11.68 8.63 -21.35
CA GLU A 329 -11.38 9.20 -22.66
C GLU A 329 -11.37 8.12 -23.74
N ALA A 330 -10.58 7.06 -23.55
CA ALA A 330 -10.64 5.92 -24.46
C ALA A 330 -11.58 4.84 -23.96
N ILE A 331 -12.77 5.26 -23.51
CA ILE A 331 -13.90 4.36 -23.35
C ILE A 331 -15.10 5.03 -24.02
N ALA A 332 -15.06 6.37 -24.08
CA ALA A 332 -16.17 7.13 -24.66
C ALA A 332 -16.23 7.02 -26.18
N THR A 333 -15.22 6.45 -26.82
CA THR A 333 -15.22 6.31 -28.27
C THR A 333 -15.81 4.98 -28.72
N LEU A 334 -15.73 3.95 -27.89
CA LEU A 334 -16.23 2.63 -28.25
C LEU A 334 -17.76 2.58 -28.16
N PRO A 335 -18.41 1.71 -28.93
CA PRO A 335 -19.85 1.53 -28.78
C PRO A 335 -20.18 0.93 -27.42
N LEU A 336 -21.37 1.26 -26.91
CA LEU A 336 -21.83 0.86 -25.58
C LEU A 336 -20.81 1.28 -24.51
N SER A 337 -20.57 2.59 -24.45
CA SER A 337 -19.59 3.11 -23.50
C SER A 337 -20.12 3.11 -22.08
N SER A 338 -21.44 3.24 -21.90
CA SER A 338 -22.01 3.28 -20.56
C SER A 338 -21.78 1.98 -19.81
N ALA A 339 -21.96 0.84 -20.49
CA ALA A 339 -21.73 -0.45 -19.84
C ALA A 339 -20.27 -0.62 -19.45
N TRP A 340 -19.34 -0.23 -20.34
CA TRP A 340 -17.92 -0.32 -20.01
C TRP A 340 -17.58 0.55 -18.80
N ALA A 341 -18.11 1.77 -18.76
CA ALA A 341 -17.84 2.64 -17.61
C ALA A 341 -18.42 2.05 -16.32
N VAL A 342 -19.64 1.51 -16.40
CA VAL A 342 -20.28 0.95 -15.21
C VAL A 342 -19.47 -0.21 -14.66
N VAL A 343 -19.06 -1.13 -15.54
CA VAL A 343 -18.31 -2.29 -15.06
C VAL A 343 -16.93 -1.88 -14.56
N PHE A 344 -16.30 -0.89 -15.20
CA PHE A 344 -14.99 -0.44 -14.75
C PHE A 344 -15.06 0.13 -13.35
N PHE A 345 -16.06 0.97 -13.08
CA PHE A 345 -16.14 1.59 -11.76
C PHE A 345 -16.63 0.61 -10.69
N ILE A 346 -17.47 -0.36 -11.06
CA ILE A 346 -17.85 -1.40 -10.11
C ILE A 346 -16.62 -2.23 -9.71
N MET A 347 -15.78 -2.57 -10.69
CA MET A 347 -14.55 -3.30 -10.39
C MET A 347 -13.63 -2.45 -9.50
N LEU A 348 -13.53 -1.16 -9.79
CA LEU A 348 -12.70 -0.28 -8.96
C LEU A 348 -13.19 -0.28 -7.51
N LEU A 349 -14.50 -0.21 -7.30
CA LEU A 349 -15.04 -0.18 -5.94
C LEU A 349 -14.78 -1.50 -5.22
N THR A 350 -15.05 -2.62 -5.89
CA THR A 350 -14.92 -3.93 -5.26
C THR A 350 -13.46 -4.26 -4.96
N LEU A 351 -12.53 -3.78 -5.80
CA LEU A 351 -11.12 -4.07 -5.59
C LEU A 351 -10.52 -3.32 -4.41
N GLY A 352 -11.21 -2.31 -3.88
CA GLY A 352 -10.66 -1.50 -2.81
C GLY A 352 -11.39 -1.59 -1.49
N ILE A 353 -12.68 -1.96 -1.53
CA ILE A 353 -13.45 -2.03 -0.29
C ILE A 353 -12.84 -3.06 0.67
N ASP A 354 -12.33 -4.18 0.13
CA ASP A 354 -11.80 -5.23 0.98
C ASP A 354 -10.54 -4.78 1.73
N SER A 355 -9.63 -4.12 1.03
CA SER A 355 -8.42 -3.64 1.69
C SER A 355 -8.71 -2.52 2.67
N ALA A 356 -9.64 -1.62 2.32
CA ALA A 356 -10.03 -0.57 3.26
C ALA A 356 -10.62 -1.17 4.53
N MET A 357 -11.33 -2.30 4.39
CA MET A 357 -11.88 -2.98 5.56
C MET A 357 -10.77 -3.64 6.37
N GLY A 358 -9.84 -4.32 5.69
CA GLY A 358 -8.80 -5.05 6.40
C GLY A 358 -7.86 -4.16 7.19
N GLY A 359 -7.52 -2.99 6.65
CA GLY A 359 -6.62 -2.10 7.37
C GLY A 359 -7.19 -1.64 8.71
N MET A 360 -8.46 -1.20 8.69
CA MET A 360 -9.10 -0.78 9.94
C MET A 360 -9.35 -1.96 10.87
N GLU A 361 -9.64 -3.14 10.33
CA GLU A 361 -9.75 -4.32 11.19
C GLU A 361 -8.44 -4.57 11.93
N SER A 362 -7.33 -4.48 11.21
CA SER A 362 -6.01 -4.64 11.84
C SER A 362 -5.80 -3.62 12.94
N VAL A 363 -6.06 -2.35 12.65
CA VAL A 363 -5.83 -1.30 13.66
C VAL A 363 -6.66 -1.56 14.91
N ILE A 364 -7.96 -1.82 14.72
CA ILE A 364 -8.87 -1.96 15.85
C ILE A 364 -8.50 -3.19 16.67
N THR A 365 -8.27 -4.33 16.02
CA THR A 365 -7.99 -5.55 16.77
C THR A 365 -6.65 -5.47 17.49
N GLY A 366 -5.64 -4.84 16.87
CA GLY A 366 -4.37 -4.67 17.55
C GLY A 366 -4.48 -3.80 18.78
N LEU A 367 -5.15 -2.65 18.63
CA LEU A 367 -5.28 -1.74 19.78
C LEU A 367 -6.18 -2.31 20.87
N ILE A 368 -7.11 -3.19 20.52
CA ILE A 368 -7.99 -3.75 21.54
C ILE A 368 -7.36 -4.96 22.23
N ASP A 369 -6.47 -5.69 21.54
CA ASP A 369 -5.78 -6.80 22.16
C ASP A 369 -4.56 -6.37 22.97
N GLU A 370 -3.96 -5.22 22.63
CA GLU A 370 -2.81 -4.76 23.39
C GLU A 370 -3.21 -4.30 24.79
N PHE A 371 -4.32 -3.58 24.91
CA PHE A 371 -4.78 -3.03 26.18
C PHE A 371 -6.12 -3.65 26.54
N GLN A 372 -6.12 -4.53 27.53
CA GLN A 372 -7.31 -5.30 27.89
C GLN A 372 -8.14 -4.58 28.97
N LEU A 373 -8.47 -3.34 28.67
CA LEU A 373 -9.43 -2.57 29.45
C LEU A 373 -10.63 -2.12 28.63
N LEU A 374 -10.40 -1.70 27.39
CA LEU A 374 -11.48 -1.43 26.43
C LEU A 374 -11.76 -2.64 25.55
N HIS A 375 -11.94 -3.80 26.17
CA HIS A 375 -12.17 -5.04 25.43
C HIS A 375 -13.65 -5.26 25.15
N ARG A 376 -14.47 -5.33 26.20
CA ARG A 376 -15.91 -5.44 26.02
C ARG A 376 -16.52 -4.15 25.51
N HIS A 377 -15.80 -3.04 25.58
CA HIS A 377 -16.25 -1.77 25.03
C HIS A 377 -15.76 -1.62 23.58
N ARG A 378 -16.06 -2.63 22.79
CA ARG A 378 -15.64 -2.65 21.39
C ARG A 378 -16.47 -1.75 20.50
N GLU A 379 -17.78 -1.64 20.76
CA GLU A 379 -18.65 -0.82 19.93
C GLU A 379 -18.22 0.65 19.97
N LEU A 380 -18.00 1.17 21.19
CA LEU A 380 -17.62 2.58 21.33
C LEU A 380 -16.25 2.83 20.72
N PHE A 381 -15.30 1.90 20.91
CA PHE A 381 -13.97 2.08 20.34
C PHE A 381 -14.01 2.08 18.82
N THR A 382 -14.78 1.17 18.22
CA THR A 382 -14.91 1.14 16.77
C THR A 382 -15.59 2.41 16.25
N LEU A 383 -16.61 2.88 16.96
CA LEU A 383 -17.28 4.12 16.56
C LEU A 383 -16.32 5.29 16.62
N PHE A 384 -15.50 5.37 17.67
CA PHE A 384 -14.52 6.45 17.79
C PHE A 384 -13.48 6.40 16.67
N ILE A 385 -12.99 5.20 16.35
CA ILE A 385 -12.00 5.08 15.28
C ILE A 385 -12.60 5.50 13.94
N VAL A 386 -13.83 5.07 13.67
CA VAL A 386 -14.48 5.42 12.40
C VAL A 386 -14.73 6.92 12.31
N LEU A 387 -15.18 7.53 13.43
CA LEU A 387 -15.41 8.97 13.44
C LEU A 387 -14.11 9.74 13.21
N ALA A 388 -13.02 9.30 13.84
CA ALA A 388 -11.74 9.96 13.63
C ALA A 388 -11.28 9.84 12.19
N THR A 389 -11.44 8.66 11.59
CA THR A 389 -11.06 8.47 10.20
C THR A 389 -11.85 9.39 9.28
N PHE A 390 -13.16 9.46 9.48
CA PHE A 390 -14.00 10.33 8.65
C PHE A 390 -13.63 11.79 8.81
N LEU A 391 -13.45 12.24 10.06
CA LEU A 391 -13.14 13.65 10.30
C LEU A 391 -11.80 14.03 9.71
N LEU A 392 -10.79 13.17 9.85
CA LEU A 392 -9.47 13.50 9.32
C LEU A 392 -9.35 13.28 7.82
N SER A 393 -10.23 12.47 7.22
CA SER A 393 -10.28 12.34 5.77
C SER A 393 -11.14 13.41 5.11
N LEU A 394 -11.89 14.18 5.91
CA LEU A 394 -12.62 15.32 5.37
C LEU A 394 -11.72 16.39 4.80
N PHE A 395 -10.42 16.37 5.11
CA PHE A 395 -9.50 17.37 4.58
C PHE A 395 -9.24 17.24 3.10
N CYS A 396 -9.44 16.04 2.53
CA CYS A 396 -9.13 15.78 1.12
C CYS A 396 -10.32 15.99 0.19
N VAL A 397 -11.48 16.40 0.71
CA VAL A 397 -12.63 16.67 -0.13
C VAL A 397 -12.89 18.17 -0.29
N THR A 398 -11.92 19.00 0.09
CA THR A 398 -12.03 20.44 -0.08
C THR A 398 -11.64 20.83 -1.50
N ASN A 399 -11.67 22.13 -1.78
CA ASN A 399 -11.32 22.60 -3.13
C ASN A 399 -9.88 22.28 -3.46
N GLY A 400 -8.97 22.45 -2.50
CA GLY A 400 -7.57 22.11 -2.72
C GLY A 400 -7.16 20.83 -2.03
N GLY A 401 -8.05 19.82 -2.06
CA GLY A 401 -7.77 18.57 -1.38
C GLY A 401 -6.82 17.65 -2.11
N ILE A 402 -6.58 17.89 -3.41
CA ILE A 402 -5.64 17.06 -4.14
C ILE A 402 -4.22 17.27 -3.64
N TYR A 403 -3.91 18.47 -3.14
CA TYR A 403 -2.59 18.71 -2.57
C TYR A 403 -2.39 17.93 -1.27
N VAL A 404 -3.42 17.90 -0.41
CA VAL A 404 -3.35 17.09 0.80
C VAL A 404 -3.24 15.61 0.44
N PHE A 405 -3.97 15.19 -0.60
CA PHE A 405 -3.89 13.80 -1.05
C PHE A 405 -2.48 13.46 -1.51
N THR A 406 -1.85 14.35 -2.28
CA THR A 406 -0.48 14.12 -2.74
C THR A 406 0.49 14.07 -1.57
N LEU A 407 0.37 15.00 -0.63
CA LEU A 407 1.27 15.02 0.53
C LEU A 407 1.16 13.72 1.33
N LEU A 408 -0.08 13.28 1.59
CA LEU A 408 -0.26 12.03 2.34
C LEU A 408 0.26 10.84 1.56
N ASP A 409 -0.02 10.78 0.25
CA ASP A 409 0.44 9.67 -0.56
C ASP A 409 1.96 9.61 -0.62
N HIS A 410 2.63 10.75 -0.46
CA HIS A 410 4.10 10.73 -0.45
C HIS A 410 4.64 10.38 0.93
N PHE A 411 4.04 10.87 2.01
CA PHE A 411 4.66 10.81 3.32
C PHE A 411 4.03 9.81 4.30
N ALA A 412 3.03 9.05 3.88
CA ALA A 412 2.41 8.11 4.83
C ALA A 412 3.10 6.76 4.83
N ALA A 413 3.25 6.14 3.66
CA ALA A 413 4.01 4.89 3.58
C ALA A 413 5.50 5.17 3.50
N GLY A 414 5.93 5.85 2.43
CA GLY A 414 7.27 6.38 2.27
C GLY A 414 8.41 5.51 2.78
N THR A 415 9.35 6.13 3.50
CA THR A 415 10.44 5.40 4.13
C THR A 415 10.04 4.79 5.47
N SER A 416 8.91 5.20 6.03
CA SER A 416 8.45 4.63 7.30
C SER A 416 8.15 3.14 7.16
N ILE A 417 7.49 2.76 6.07
CA ILE A 417 7.14 1.36 5.88
C ILE A 417 8.38 0.51 5.64
N LEU A 418 9.35 1.04 4.91
CA LEU A 418 10.61 0.34 4.70
C LEU A 418 11.37 0.18 6.01
N PHE A 419 11.38 1.24 6.84
CA PHE A 419 12.04 1.16 8.14
C PHE A 419 11.38 0.10 9.03
N GLY A 420 10.04 0.06 9.05
CA GLY A 420 9.36 -0.93 9.85
C GLY A 420 9.62 -2.35 9.38
N VAL A 421 9.59 -2.56 8.06
CA VAL A 421 9.87 -3.89 7.51
C VAL A 421 11.30 -4.31 7.83
N LEU A 422 12.26 -3.39 7.69
CA LEU A 422 13.65 -3.70 8.00
C LEU A 422 13.82 -4.05 9.47
N ILE A 423 13.17 -3.31 10.36
CA ILE A 423 13.27 -3.61 11.79
C ILE A 423 12.67 -4.97 12.11
N GLU A 424 11.52 -5.28 11.52
CA GLU A 424 10.91 -6.59 11.75
C GLU A 424 11.81 -7.72 11.29
N ALA A 425 12.38 -7.58 10.09
CA ALA A 425 13.27 -8.62 9.56
C ALA A 425 14.51 -8.77 10.42
N ILE A 426 15.13 -7.66 10.82
CA ILE A 426 16.34 -7.71 11.64
C ILE A 426 16.04 -8.37 12.97
N GLY A 427 14.93 -7.99 13.60
CA GLY A 427 14.51 -8.64 14.83
C GLY A 427 14.41 -10.13 14.64
N VAL A 428 13.47 -10.57 13.78
CA VAL A 428 13.15 -11.98 13.65
C VAL A 428 14.39 -12.80 13.30
N ALA A 429 15.25 -12.29 12.42
CA ALA A 429 16.43 -13.07 12.03
C ALA A 429 17.52 -12.98 13.09
N TRP A 430 18.10 -11.79 13.28
CA TRP A 430 19.31 -11.68 14.09
C TRP A 430 19.04 -11.90 15.57
N PHE A 431 18.02 -11.23 16.12
CA PHE A 431 17.86 -11.27 17.57
C PHE A 431 17.24 -12.57 18.07
N TYR A 432 16.62 -13.35 17.18
CA TYR A 432 15.98 -14.60 17.56
C TYR A 432 16.74 -15.83 17.10
N GLY A 433 17.22 -15.86 15.85
CA GLY A 433 17.83 -17.05 15.31
C GLY A 433 17.08 -17.54 14.09
N VAL A 434 17.72 -17.48 12.92
CA VAL A 434 17.09 -18.05 11.74
C VAL A 434 16.99 -19.56 11.88
N GLY A 435 17.94 -20.20 12.58
CA GLY A 435 17.81 -21.61 12.87
C GLY A 435 16.64 -21.91 13.79
N GLN A 436 16.42 -21.07 14.80
CA GLN A 436 15.26 -21.25 15.68
C GLN A 436 13.96 -21.04 14.92
N PHE A 437 13.93 -20.06 14.03
CA PHE A 437 12.75 -19.85 13.18
C PHE A 437 12.48 -21.06 12.31
N SER A 438 13.54 -21.63 11.72
CA SER A 438 13.37 -22.83 10.89
C SER A 438 12.89 -24.02 11.72
N ASP A 439 13.39 -24.15 12.95
CA ASP A 439 12.92 -25.22 13.82
C ASP A 439 11.45 -25.04 14.20
N ASP A 440 11.03 -23.80 14.45
CA ASP A 440 9.62 -23.54 14.73
C ASP A 440 8.75 -23.89 13.52
N ILE A 441 9.21 -23.54 12.32
CA ILE A 441 8.45 -23.87 11.12
C ILE A 441 8.40 -25.38 10.92
N GLN A 442 9.50 -26.07 11.18
CA GLN A 442 9.51 -27.54 11.07
C GLN A 442 8.63 -28.19 12.12
N GLN A 443 8.42 -27.55 13.27
CA GLN A 443 7.44 -28.07 14.22
C GLN A 443 6.01 -27.82 13.72
N MET A 444 5.76 -26.64 13.16
CA MET A 444 4.44 -26.31 12.63
C MET A 444 4.11 -27.08 11.36
N THR A 445 5.08 -27.73 10.73
CA THR A 445 4.89 -28.38 9.44
C THR A 445 5.76 -29.63 9.44
N GLY A 446 6.05 -30.16 8.25
CA GLY A 446 6.92 -31.31 8.17
C GLY A 446 8.25 -31.02 7.48
N GLN A 447 8.45 -29.78 7.06
CA GLN A 447 9.62 -29.42 6.27
C GLN A 447 10.40 -28.29 6.94
N ARG A 448 11.70 -28.24 6.65
CA ARG A 448 12.57 -27.17 7.07
C ARG A 448 12.89 -26.26 5.91
N PRO A 449 12.76 -24.94 6.04
CA PRO A 449 13.06 -24.04 4.93
C PRO A 449 14.49 -24.21 4.44
N SER A 450 14.66 -24.12 3.12
CA SER A 450 15.94 -24.40 2.48
C SER A 450 16.92 -23.24 2.71
N LEU A 451 18.12 -23.39 2.15
CA LEU A 451 19.17 -22.40 2.33
C LEU A 451 18.84 -21.08 1.62
N TYR A 452 18.05 -21.13 0.56
CA TYR A 452 17.69 -19.91 -0.16
C TYR A 452 16.92 -18.96 0.73
N TRP A 453 15.88 -19.47 1.42
CA TRP A 453 15.06 -18.62 2.27
C TRP A 453 15.85 -18.11 3.47
N ARG A 454 16.64 -18.98 4.10
CA ARG A 454 17.43 -18.57 5.25
C ARG A 454 18.46 -17.51 4.86
N LEU A 455 19.14 -17.71 3.72
CA LEU A 455 20.09 -16.72 3.25
C LEU A 455 19.42 -15.38 2.96
N CYS A 456 18.25 -15.43 2.29
CA CYS A 456 17.52 -14.20 2.02
C CYS A 456 17.21 -13.46 3.31
N TRP A 457 16.55 -14.15 4.25
CA TRP A 457 16.15 -13.52 5.51
C TRP A 457 17.35 -12.98 6.28
N LYS A 458 18.45 -13.73 6.30
CA LYS A 458 19.59 -13.34 7.12
C LYS A 458 20.35 -12.15 6.52
N LEU A 459 20.56 -12.15 5.21
CA LEU A 459 21.50 -11.19 4.64
C LEU A 459 20.92 -10.32 3.52
N VAL A 460 20.06 -10.87 2.67
CA VAL A 460 19.78 -10.21 1.40
C VAL A 460 18.73 -9.12 1.57
N SER A 461 17.62 -9.44 2.23
CA SER A 461 16.59 -8.43 2.47
C SER A 461 17.08 -7.28 3.37
N PRO A 462 17.70 -7.54 4.53
CA PRO A 462 18.12 -6.40 5.37
C PRO A 462 19.10 -5.46 4.69
N CYS A 463 20.05 -5.98 3.90
CA CYS A 463 21.04 -5.11 3.28
C CYS A 463 20.41 -4.19 2.25
N PHE A 464 19.58 -4.75 1.37
CA PHE A 464 18.91 -3.93 0.35
C PHE A 464 17.96 -2.94 0.99
N LEU A 465 17.24 -3.37 2.03
CA LEU A 465 16.32 -2.46 2.72
C LEU A 465 17.08 -1.31 3.37
N LEU A 466 18.22 -1.59 4.01
CA LEU A 466 19.01 -0.54 4.63
C LEU A 466 19.55 0.43 3.58
N PHE A 467 20.05 -0.09 2.46
CA PHE A 467 20.56 0.79 1.41
C PHE A 467 19.45 1.69 0.87
N VAL A 468 18.27 1.12 0.62
CA VAL A 468 17.16 1.90 0.09
C VAL A 468 16.72 2.97 1.10
N VAL A 469 16.66 2.62 2.38
CA VAL A 469 16.25 3.59 3.39
C VAL A 469 17.24 4.75 3.46
N VAL A 470 18.54 4.44 3.47
CA VAL A 470 19.55 5.48 3.54
C VAL A 470 19.47 6.39 2.32
N VAL A 471 19.35 5.80 1.12
CA VAL A 471 19.28 6.59 -0.09
C VAL A 471 18.02 7.46 -0.10
N SER A 472 16.90 6.90 0.34
CA SER A 472 15.64 7.65 0.37
C SER A 472 15.73 8.83 1.33
N ILE A 473 16.42 8.66 2.46
CA ILE A 473 16.61 9.80 3.36
C ILE A 473 17.54 10.84 2.75
N VAL A 474 18.60 10.39 2.08
CA VAL A 474 19.59 11.33 1.55
C VAL A 474 18.97 12.18 0.42
N THR A 475 18.24 11.55 -0.49
CA THR A 475 17.62 12.22 -1.62
C THR A 475 16.16 12.51 -1.30
N PHE A 476 15.79 13.78 -1.28
CA PHE A 476 14.44 14.17 -0.85
C PHE A 476 13.45 14.18 -2.01
N ARG A 477 13.68 15.04 -3.01
CA ARG A 477 12.75 15.20 -4.12
C ARG A 477 11.34 15.51 -3.61
N PRO A 478 11.09 16.73 -3.16
CA PRO A 478 9.80 17.03 -2.54
C PRO A 478 8.66 16.84 -3.51
N PRO A 479 7.47 16.53 -3.02
CA PRO A 479 6.34 16.25 -3.92
C PRO A 479 5.84 17.51 -4.62
N HIS A 480 5.08 17.28 -5.69
CA HIS A 480 4.52 18.37 -6.48
C HIS A 480 3.29 17.84 -7.22
N TYR A 481 2.47 18.78 -7.69
CA TYR A 481 1.33 18.47 -8.54
C TYR A 481 1.35 19.42 -9.72
N GLY A 482 1.67 18.90 -10.90
CA GLY A 482 1.81 19.74 -12.08
C GLY A 482 2.94 20.73 -11.95
N ALA A 483 2.63 22.01 -12.09
CA ALA A 483 3.61 23.09 -11.95
C ALA A 483 3.48 23.80 -10.61
N TYR A 484 3.04 23.09 -9.58
CA TYR A 484 2.86 23.65 -8.24
C TYR A 484 3.98 23.14 -7.34
N ILE A 485 4.64 24.06 -6.64
CA ILE A 485 5.76 23.74 -5.77
C ILE A 485 5.30 23.93 -4.33
N PHE A 486 5.41 22.87 -3.53
CA PHE A 486 4.97 22.92 -2.15
C PHE A 486 5.87 23.85 -1.33
N PRO A 487 5.31 24.54 -0.34
CA PRO A 487 6.14 25.39 0.52
C PRO A 487 6.99 24.61 1.50
N ASP A 488 7.73 25.31 2.36
CA ASP A 488 8.64 24.63 3.29
C ASP A 488 7.88 23.96 4.43
N TRP A 489 6.87 24.64 4.99
CA TRP A 489 6.17 24.08 6.14
C TRP A 489 5.39 22.83 5.78
N ALA A 490 4.95 22.70 4.53
CA ALA A 490 4.29 21.46 4.11
C ALA A 490 5.26 20.28 4.15
N ASN A 491 6.50 20.49 3.67
CA ASN A 491 7.51 19.44 3.75
C ASN A 491 7.85 19.12 5.20
N ALA A 492 7.93 20.15 6.05
CA ALA A 492 8.18 19.90 7.48
C ALA A 492 7.07 19.06 8.09
N LEU A 493 5.82 19.37 7.76
CA LEU A 493 4.69 18.61 8.29
C LEU A 493 4.71 17.16 7.79
N GLY A 494 5.07 16.96 6.52
CA GLY A 494 5.19 15.60 6.01
C GLY A 494 6.28 14.80 6.72
N TRP A 495 7.43 15.44 6.95
CA TRP A 495 8.50 14.76 7.67
C TRP A 495 8.10 14.45 9.11
N VAL A 496 7.33 15.35 9.73
CA VAL A 496 6.81 15.09 11.06
C VAL A 496 5.88 13.89 11.04
N ILE A 497 5.02 13.80 10.02
CA ILE A 497 4.11 12.66 9.89
C ILE A 497 4.88 11.36 9.76
N ALA A 498 5.94 11.35 8.96
CA ALA A 498 6.74 10.13 8.80
C ALA A 498 7.46 9.76 10.10
N THR A 499 8.08 10.75 10.75
CA THR A 499 8.83 10.50 11.97
C THR A 499 7.93 10.05 13.10
N SER A 500 6.66 10.49 13.11
CA SER A 500 5.75 10.07 14.17
C SER A 500 5.60 8.57 14.22
N SER A 501 5.44 7.92 13.06
CA SER A 501 5.36 6.47 13.03
C SER A 501 6.73 5.82 13.18
N MET A 502 7.77 6.45 12.62
CA MET A 502 9.11 5.84 12.70
C MET A 502 9.64 5.77 14.12
N ALA A 503 9.31 6.76 14.97
CA ALA A 503 9.95 6.93 16.25
C ALA A 503 9.28 6.17 17.39
N MET A 504 8.54 5.11 17.07
CA MET A 504 7.93 4.30 18.13
C MET A 504 8.87 3.23 18.68
N VAL A 505 9.94 2.91 17.98
CA VAL A 505 10.87 1.86 18.40
C VAL A 505 11.82 2.38 19.49
N PRO A 506 12.56 3.48 19.30
CA PRO A 506 13.49 3.90 20.36
C PRO A 506 12.80 4.30 21.65
N ILE A 507 11.61 4.90 21.58
CA ILE A 507 10.92 5.31 22.80
C ILE A 507 10.54 4.10 23.64
N TYR A 508 9.94 3.09 23.01
CA TYR A 508 9.58 1.90 23.75
C TYR A 508 10.83 1.14 24.21
N ALA A 509 11.90 1.17 23.42
CA ALA A 509 13.14 0.54 23.86
C ALA A 509 13.67 1.18 25.13
N ALA A 510 13.69 2.51 25.18
CA ALA A 510 14.14 3.21 26.38
C ALA A 510 13.23 2.91 27.57
N TYR A 511 11.91 2.92 27.35
CA TYR A 511 10.98 2.63 28.44
C TYR A 511 11.17 1.23 28.97
N LYS A 512 11.33 0.25 28.07
CA LYS A 512 11.51 -1.13 28.47
C LYS A 512 12.82 -1.33 29.21
N PHE A 513 13.89 -0.68 28.77
CA PHE A 513 15.17 -0.79 29.46
C PHE A 513 15.09 -0.18 30.85
N CYS A 514 14.42 0.98 30.99
CA CYS A 514 14.35 1.63 32.29
C CYS A 514 13.40 0.88 33.24
N SER A 515 12.39 0.21 32.72
CA SER A 515 11.41 -0.44 33.59
C SER A 515 11.97 -1.69 34.27
N LEU A 516 12.86 -2.42 33.59
CA LEU A 516 13.40 -3.66 34.14
C LEU A 516 14.34 -3.36 35.32
N PRO A 517 14.37 -4.25 36.32
CA PRO A 517 15.27 -4.05 37.45
C PRO A 517 16.61 -4.77 37.33
N GLY A 518 17.57 -4.38 38.17
CA GLY A 518 18.87 -5.03 38.18
C GLY A 518 20.00 -4.14 37.68
N SER A 519 21.06 -4.77 37.18
CA SER A 519 22.20 -4.07 36.64
C SER A 519 22.05 -3.92 35.12
N PHE A 520 23.03 -3.27 34.50
CA PHE A 520 23.00 -3.09 33.05
C PHE A 520 23.05 -4.43 32.33
N ARG A 521 23.92 -5.33 32.78
CA ARG A 521 23.99 -6.66 32.19
C ARG A 521 22.70 -7.43 32.38
N GLU A 522 22.12 -7.35 33.58
CA GLU A 522 20.86 -8.05 33.85
C GLU A 522 19.72 -7.48 33.01
N LYS A 523 19.65 -6.14 32.91
CA LYS A 523 18.62 -5.51 32.10
C LYS A 523 18.76 -5.93 30.64
N LEU A 524 19.98 -5.93 30.11
CA LEU A 524 20.19 -6.35 28.72
C LEU A 524 19.80 -7.81 28.53
N ALA A 525 20.15 -8.68 29.49
CA ALA A 525 19.83 -10.10 29.38
C ALA A 525 18.33 -10.33 29.34
N TYR A 526 17.58 -9.63 30.21
CA TYR A 526 16.13 -9.80 30.19
C TYR A 526 15.45 -9.02 29.08
N ALA A 527 16.16 -8.10 28.42
CA ALA A 527 15.54 -7.33 27.34
C ALA A 527 15.75 -7.94 25.96
N ILE A 528 16.88 -8.61 25.72
CA ILE A 528 17.15 -9.16 24.39
C ILE A 528 16.90 -10.65 24.30
N ALA A 529 16.44 -11.29 25.39
CA ALA A 529 16.17 -12.71 25.33
C ALA A 529 14.66 -12.97 25.24
N PRO A 530 14.25 -14.05 24.57
CA PRO A 530 12.82 -14.34 24.46
C PRO A 530 12.19 -14.65 25.80
N GLU A 531 10.89 -14.38 25.91
CA GLU A 531 10.18 -14.67 27.14
C GLU A 531 9.78 -16.14 27.20
N LYS A 532 10.76 -17.02 26.96
CA LYS A 532 10.62 -18.45 27.16
C LYS A 532 11.88 -19.09 27.69
N ASP A 533 13.02 -18.40 27.65
CA ASP A 533 14.27 -18.87 28.24
C ASP A 533 14.52 -18.22 29.60
N ARG A 534 13.47 -17.94 30.36
CA ARG A 534 13.63 -17.27 31.64
C ARG A 534 14.40 -18.14 32.63
N GLU A 535 14.12 -19.44 32.66
CA GLU A 535 14.86 -20.33 33.54
C GLU A 535 16.33 -20.40 33.17
N LEU A 536 16.62 -20.46 31.86
CA LEU A 536 18.01 -20.47 31.42
C LEU A 536 18.72 -19.17 31.77
N VAL A 537 18.04 -18.04 31.61
CA VAL A 537 18.64 -16.74 31.90
C VAL A 537 18.92 -16.61 33.40
N ASP A 538 17.97 -17.07 34.22
CA ASP A 538 18.18 -17.02 35.67
C ASP A 538 19.36 -17.88 36.10
N ARG A 539 19.65 -18.95 35.36
CA ARG A 539 20.82 -19.78 35.64
C ARG A 539 22.11 -19.17 35.13
N GLY A 540 22.04 -18.09 34.35
CA GLY A 540 23.23 -17.39 33.91
C GLY A 540 23.71 -17.71 32.52
N GLU A 541 22.96 -18.49 31.74
CA GLU A 541 23.35 -18.86 30.39
C GLU A 541 22.45 -18.13 29.40
N VAL A 542 23.05 -17.23 28.61
CA VAL A 542 22.32 -16.46 27.61
C VAL A 542 22.91 -16.78 26.24
N ARG A 543 22.06 -17.26 25.33
CA ARG A 543 22.52 -17.60 23.99
C ARG A 543 22.92 -16.37 23.19
N GLN A 544 22.23 -15.24 23.41
CA GLN A 544 22.52 -14.01 22.68
C GLN A 544 23.84 -13.37 23.06
N PHE A 545 24.50 -13.84 24.12
CA PHE A 545 25.74 -13.24 24.58
C PHE A 545 26.98 -13.88 23.99
N THR A 546 26.83 -14.85 23.09
CA THR A 546 27.94 -15.52 22.45
C THR A 546 28.10 -15.04 21.01
N LEU A 547 29.04 -15.64 20.28
CA LEU A 547 29.29 -15.30 18.89
C LEU A 547 28.67 -16.27 17.90
N ARG A 548 28.57 -17.55 18.27
CA ARG A 548 27.95 -18.53 17.39
C ARG A 548 26.50 -18.19 17.09
N HIS A 549 25.83 -17.51 18.04
CA HIS A 549 24.44 -17.10 17.81
C HIS A 549 24.35 -16.13 16.64
N TRP A 550 25.25 -15.16 16.58
CA TRP A 550 25.25 -14.15 15.53
C TRP A 550 25.94 -14.60 14.25
N LEU A 551 26.74 -15.67 14.30
CA LEU A 551 27.44 -16.17 13.14
C LEU A 551 26.78 -17.41 12.54
N LYS A 552 25.50 -17.63 12.83
CA LYS A 552 24.79 -18.83 12.41
C LYS A 552 23.84 -18.49 11.26
N VAL A 553 23.96 -19.24 10.17
CA VAL A 553 23.08 -19.04 9.01
C VAL A 553 22.40 -20.34 8.63
#